data_6FGQ
#
_entry.id   6FGQ
#
_cell.length_a   99.550
_cell.length_b   99.550
_cell.length_c   129.510
_cell.angle_alpha   90.00
_cell.angle_beta   90.00
_cell.angle_gamma   120.00
#
_symmetry.space_group_name_H-M   'P 61'
#
loop_
_entity.id
_entity.type
_entity.pdbx_description
1 polymer 'Nuclear receptor ROR-gamma'
2 non-polymer 'methyl 4-[[3-[5-[2-(4-ethylsulfonylphenyl)ethanoylamino]thiophen-3-yl]pyridin-2-yl]oxymethyl]benzoate'
3 water water
#
_entity_poly.entity_id   1
_entity_poly.type   'polypeptide(L)'
_entity_poly.pdbx_seq_one_letter_code
;MHNHNHNHNHNHNGGENLYFQGASLTEIEHLVQSVCKSYRETCQLRLEDLLRQRSNIFSREEVTGYQRKSMWEMWERCAH
HLTEAIQYVVEFAKRLSGFMELCQNDQIVLLKAGAMEVVLVRMCRAYNADNRTVFFEGKYGGMELFRALGCSELISSIFD
FSHSLSALHFSEDEIALYTALVLINAHRPGLQEKRKVEQLQYNLELAFHHHLCKTHRQSILAKLPPKGKLRSLCSQHVER
LQIFQHLHPIVVQAAFPPLYKELFS
;
_entity_poly.pdbx_strand_id   A,B
#
loop_
_chem_comp.id
_chem_comp.type
_chem_comp.name
_chem_comp.formula
D9N non-polymer 'methyl 4-[[3-[5-[2-(4-ethylsulfonylphenyl)ethanoylamino]thiophen-3-yl]pyridin-2-yl]oxymethyl]benzoate' 'C28 H26 N2 O6 S2'
#
# COMPACT_ATOMS: atom_id res chain seq x y z
N GLN A 21 29.77 -2.50 -0.12
CA GLN A 21 29.84 -2.17 1.31
C GLN A 21 31.28 -1.90 1.74
N GLY A 22 31.60 -0.61 1.88
CA GLY A 22 32.93 -0.06 2.16
C GLY A 22 33.43 0.43 0.81
N ALA A 23 32.95 1.61 0.38
CA ALA A 23 33.13 2.20 -0.94
C ALA A 23 34.27 3.22 -1.07
N SER A 24 34.88 3.31 -2.27
CA SER A 24 35.94 4.27 -2.64
C SER A 24 35.28 5.63 -3.00
N LEU A 25 36.06 6.72 -3.15
CA LEU A 25 35.49 8.06 -3.39
C LEU A 25 34.70 8.21 -4.73
N THR A 26 35.16 7.53 -5.79
CA THR A 26 34.51 7.49 -7.10
C THR A 26 33.15 6.81 -6.92
N GLU A 27 33.11 5.70 -6.15
CA GLU A 27 31.90 4.94 -5.77
C GLU A 27 30.93 5.81 -5.00
N ILE A 28 31.45 6.66 -4.09
CA ILE A 28 30.69 7.60 -3.28
C ILE A 28 29.96 8.64 -4.16
N GLU A 29 30.64 9.19 -5.20
CA GLU A 29 30.02 10.14 -6.13
C GLU A 29 28.96 9.45 -7.01
N HIS A 30 29.11 8.13 -7.30
CA HIS A 30 28.10 7.34 -8.03
C HIS A 30 26.85 7.21 -7.14
N LEU A 31 27.07 7.05 -5.84
CA LEU A 31 26.07 6.96 -4.78
C LEU A 31 25.34 8.32 -4.54
N VAL A 32 25.98 9.46 -4.77
CA VAL A 32 25.36 10.78 -4.64
C VAL A 32 24.40 10.96 -5.79
N GLN A 33 24.85 10.65 -7.00
CA GLN A 33 24.04 10.79 -8.22
C GLN A 33 22.83 9.85 -8.26
N SER A 34 23.04 8.65 -7.78
CA SER A 34 22.10 7.56 -7.64
C SER A 34 20.93 7.99 -6.70
N VAL A 35 21.23 8.48 -5.48
CA VAL A 35 20.28 8.95 -4.45
C VAL A 35 19.51 10.15 -4.98
N CYS A 36 20.19 11.01 -5.71
CA CYS A 36 19.61 12.21 -6.30
C CYS A 36 18.68 11.88 -7.44
N LYS A 37 18.96 10.78 -8.15
CA LYS A 37 18.16 10.24 -9.25
C LYS A 37 16.88 9.66 -8.66
N SER A 38 17.02 8.73 -7.68
CA SER A 38 15.94 8.07 -6.95
C SER A 38 14.99 9.07 -6.34
N TYR A 39 15.51 10.18 -5.84
CA TYR A 39 14.73 11.25 -5.27
C TYR A 39 13.88 11.96 -6.33
N ARG A 40 14.47 12.30 -7.48
CA ARG A 40 13.83 13.00 -8.61
C ARG A 40 12.70 12.17 -9.23
N GLU A 41 12.85 10.85 -9.21
CA GLU A 41 11.88 9.91 -9.72
C GLU A 41 10.72 9.66 -8.75
N THR A 42 10.87 10.03 -7.47
CA THR A 42 9.89 9.76 -6.41
C THR A 42 9.56 11.02 -5.58
N CYS A 43 9.90 12.24 -6.07
CA CYS A 43 9.68 13.47 -5.28
C CYS A 43 8.20 13.90 -5.21
N GLN A 44 7.30 13.13 -5.84
CA GLN A 44 5.85 13.31 -5.87
C GLN A 44 5.44 14.54 -6.71
N LEU A 45 5.71 15.77 -6.21
CA LEU A 45 5.43 17.04 -6.89
C LEU A 45 6.73 17.72 -7.18
N ARG A 46 6.87 18.26 -8.39
CA ARG A 46 8.06 18.98 -8.85
C ARG A 46 8.19 20.30 -8.09
N LEU A 47 9.39 20.60 -7.55
CA LEU A 47 9.69 21.84 -6.84
C LEU A 47 9.26 23.09 -7.62
N GLU A 48 9.54 23.13 -8.94
CA GLU A 48 9.19 24.23 -9.86
C GLU A 48 7.68 24.45 -9.82
N ASP A 49 6.90 23.34 -9.85
CA ASP A 49 5.43 23.29 -9.81
C ASP A 49 4.84 23.83 -8.47
N LEU A 50 5.42 23.42 -7.34
CA LEU A 50 5.09 23.85 -6.00
C LEU A 50 5.36 25.35 -5.80
N LEU A 51 6.51 25.84 -6.30
CA LEU A 51 6.92 27.25 -6.22
C LEU A 51 6.02 28.17 -6.99
N ARG A 52 5.55 27.74 -8.17
CA ARG A 52 4.67 28.42 -9.13
C ARG A 52 3.23 28.53 -8.60
N GLN A 53 2.83 27.60 -7.70
CA GLN A 53 1.50 27.57 -7.10
C GLN A 53 1.38 28.38 -5.81
N ARG A 54 2.48 28.99 -5.36
CA ARG A 54 2.55 29.83 -4.16
C ARG A 54 1.56 30.99 -4.16
N SER A 55 1.20 31.50 -5.34
CA SER A 55 0.24 32.59 -5.55
C SER A 55 -1.21 32.07 -5.39
N ASN A 56 -1.41 30.74 -5.53
CA ASN A 56 -2.71 30.10 -5.38
C ASN A 56 -3.00 29.78 -3.88
N ILE A 57 -3.56 30.77 -3.17
CA ILE A 57 -3.87 30.71 -1.74
C ILE A 57 -5.39 30.55 -1.53
N PHE A 58 -5.80 29.68 -0.57
CA PHE A 58 -7.22 29.44 -0.22
C PHE A 58 -7.90 30.74 0.23
N SER A 59 -9.09 31.02 -0.32
CA SER A 59 -9.86 32.21 0.08
C SER A 59 -10.47 31.99 1.47
N ARG A 60 -10.87 33.08 2.17
CA ARG A 60 -11.45 33.06 3.51
C ARG A 60 -12.66 32.11 3.58
N GLU A 61 -13.44 32.06 2.48
CA GLU A 61 -14.62 31.20 2.31
C GLU A 61 -14.21 29.71 2.14
N GLU A 62 -13.08 29.45 1.43
CA GLU A 62 -12.55 28.09 1.25
C GLU A 62 -12.01 27.54 2.59
N VAL A 63 -11.40 28.41 3.41
CA VAL A 63 -10.86 28.08 4.73
C VAL A 63 -12.02 27.67 5.66
N THR A 64 -13.08 28.50 5.72
CA THR A 64 -14.31 28.29 6.48
C THR A 64 -14.92 26.93 6.13
N GLY A 65 -14.94 26.59 4.83
CA GLY A 65 -15.40 25.30 4.33
C GLY A 65 -14.63 24.14 4.92
N TYR A 66 -13.31 24.25 5.05
CA TYR A 66 -12.48 23.20 5.68
C TYR A 66 -12.70 23.11 7.18
N GLN A 67 -12.90 24.26 7.85
CA GLN A 67 -13.10 24.35 9.29
C GLN A 67 -14.44 23.81 9.71
N ARG A 68 -15.47 23.91 8.84
CA ARG A 68 -16.82 23.42 9.12
C ARG A 68 -16.92 21.90 9.05
N LYS A 69 -16.00 21.25 8.33
CA LYS A 69 -15.91 19.79 8.18
C LYS A 69 -15.75 19.08 9.50
N SER A 70 -16.20 17.82 9.60
CA SER A 70 -16.00 17.10 10.86
C SER A 70 -14.52 16.69 10.95
N MET A 71 -14.01 16.50 12.17
CA MET A 71 -12.64 16.04 12.38
C MET A 71 -12.45 14.70 11.63
N TRP A 72 -13.50 13.87 11.57
CA TRP A 72 -13.57 12.60 10.86
C TRP A 72 -13.37 12.75 9.36
N GLU A 73 -13.98 13.77 8.73
CA GLU A 73 -13.77 14.05 7.31
C GLU A 73 -12.34 14.52 7.07
N MET A 74 -11.87 15.46 7.92
CA MET A 74 -10.54 16.04 7.88
C MET A 74 -9.45 15.00 8.09
N TRP A 75 -9.61 14.09 9.05
CA TRP A 75 -8.67 13.01 9.28
C TRP A 75 -8.57 12.12 8.06
N GLU A 76 -9.70 11.72 7.48
CA GLU A 76 -9.82 10.90 6.26
C GLU A 76 -9.02 11.51 5.10
N ARG A 77 -9.17 12.83 4.88
CA ARG A 77 -8.46 13.62 3.87
C ARG A 77 -6.95 13.63 4.12
N CYS A 78 -6.52 13.97 5.34
CA CYS A 78 -5.14 14.04 5.82
C CYS A 78 -4.45 12.70 5.71
N ALA A 79 -5.14 11.63 6.19
CA ALA A 79 -4.72 10.24 6.12
C ALA A 79 -4.54 9.81 4.66
N HIS A 80 -5.42 10.24 3.76
CA HIS A 80 -5.29 9.93 2.33
C HIS A 80 -4.01 10.53 1.75
N HIS A 81 -3.73 11.81 2.04
CA HIS A 81 -2.58 12.53 1.52
C HIS A 81 -1.26 12.06 2.11
N LEU A 82 -1.25 11.65 3.39
CA LEU A 82 -0.08 11.15 4.10
C LEU A 82 0.27 9.75 3.59
N THR A 83 -0.74 8.93 3.28
CA THR A 83 -0.60 7.58 2.73
C THR A 83 0.10 7.65 1.39
N GLU A 84 -0.40 8.54 0.49
CA GLU A 84 0.11 8.83 -0.85
C GLU A 84 1.58 9.24 -0.74
N ALA A 85 1.88 10.18 0.17
CA ALA A 85 3.21 10.71 0.49
C ALA A 85 4.18 9.60 0.95
N ILE A 86 3.76 8.72 1.87
CA ILE A 86 4.49 7.59 2.43
C ILE A 86 4.85 6.60 1.33
N GLN A 87 3.94 6.37 0.39
CA GLN A 87 4.16 5.49 -0.75
C GLN A 87 5.34 5.95 -1.62
N TYR A 88 5.51 7.28 -1.81
CA TYR A 88 6.59 7.89 -2.58
C TYR A 88 7.93 7.78 -1.83
N VAL A 89 7.89 7.87 -0.47
CA VAL A 89 9.02 7.67 0.43
C VAL A 89 9.48 6.20 0.39
N VAL A 90 8.53 5.25 0.35
CA VAL A 90 8.75 3.81 0.24
C VAL A 90 9.44 3.46 -1.09
N GLU A 91 8.98 4.06 -2.19
CA GLU A 91 9.53 3.91 -3.52
C GLU A 91 10.96 4.47 -3.60
N PHE A 92 11.23 5.56 -2.83
CA PHE A 92 12.51 6.21 -2.68
C PHE A 92 13.54 5.29 -2.00
N ALA A 93 13.14 4.63 -0.92
CA ALA A 93 14.00 3.69 -0.19
C ALA A 93 14.29 2.46 -1.04
N LYS A 94 13.30 1.99 -1.78
CA LYS A 94 13.42 0.83 -2.68
C LYS A 94 14.46 1.05 -3.78
N ARG A 95 14.59 2.29 -4.24
CA ARG A 95 15.53 2.70 -5.29
C ARG A 95 16.91 3.06 -4.74
N LEU A 96 17.07 3.12 -3.39
CA LEU A 96 18.34 3.36 -2.73
C LEU A 96 19.22 2.16 -2.83
N SER A 97 20.52 2.35 -3.13
CA SER A 97 21.51 1.28 -3.29
C SER A 97 21.72 0.53 -1.99
N GLY A 98 21.49 -0.79 -2.06
CA GLY A 98 21.66 -1.67 -0.91
C GLY A 98 20.41 -1.89 -0.10
N PHE A 99 19.39 -0.98 -0.20
CA PHE A 99 18.15 -1.14 0.57
C PHE A 99 17.42 -2.42 0.25
N MET A 100 17.33 -2.77 -1.04
CA MET A 100 16.63 -3.99 -1.46
C MET A 100 17.41 -5.26 -1.15
N GLU A 101 18.73 -5.13 -0.91
CA GLU A 101 19.62 -6.23 -0.53
C GLU A 101 19.46 -6.60 0.94
N LEU A 102 19.01 -5.64 1.80
CA LEU A 102 18.76 -5.85 3.24
C LEU A 102 17.63 -6.87 3.41
N CYS A 103 17.54 -7.56 4.57
CA CYS A 103 16.42 -8.51 4.78
C CYS A 103 15.09 -7.77 4.91
N GLN A 104 13.97 -8.47 4.71
CA GLN A 104 12.62 -7.89 4.76
C GLN A 104 12.30 -7.19 6.09
N ASN A 105 12.72 -7.79 7.23
CA ASN A 105 12.50 -7.20 8.57
C ASN A 105 13.19 -5.83 8.71
N ASP A 106 14.43 -5.71 8.24
CA ASP A 106 15.21 -4.47 8.29
C ASP A 106 14.60 -3.41 7.41
N GLN A 107 14.17 -3.77 6.19
CA GLN A 107 13.43 -2.90 5.27
C GLN A 107 12.19 -2.31 5.96
N ILE A 108 11.38 -3.16 6.63
CA ILE A 108 10.16 -2.78 7.36
C ILE A 108 10.49 -1.90 8.58
N VAL A 109 11.51 -2.29 9.38
CA VAL A 109 11.95 -1.54 10.57
C VAL A 109 12.39 -0.13 10.19
N LEU A 110 13.25 -0.02 9.18
CA LEU A 110 13.74 1.26 8.66
C LEU A 110 12.61 2.15 8.14
N LEU A 111 11.68 1.60 7.33
CA LEU A 111 10.57 2.38 6.81
C LEU A 111 9.53 2.76 7.86
N LYS A 112 9.21 1.86 8.80
CA LYS A 112 8.24 2.03 9.88
C LYS A 112 8.65 3.19 10.79
N ALA A 113 9.95 3.23 11.13
CA ALA A 113 10.54 4.23 12.00
C ALA A 113 10.82 5.60 11.33
N GLY A 114 11.09 5.58 10.02
CA GLY A 114 11.52 6.79 9.31
C GLY A 114 10.67 7.40 8.22
N ALA A 115 9.71 6.67 7.63
CA ALA A 115 8.87 7.19 6.53
C ALA A 115 8.13 8.48 6.86
N MET A 116 7.53 8.61 8.04
CA MET A 116 6.81 9.82 8.44
C MET A 116 7.76 10.98 8.67
N GLU A 117 8.97 10.67 9.21
CA GLU A 117 10.05 11.62 9.43
C GLU A 117 10.48 12.23 8.08
N VAL A 118 10.64 11.39 7.05
CA VAL A 118 10.99 11.78 5.68
C VAL A 118 9.90 12.67 5.05
N VAL A 119 8.61 12.31 5.19
CA VAL A 119 7.43 13.06 4.71
C VAL A 119 7.46 14.49 5.32
N LEU A 120 7.74 14.61 6.61
CA LEU A 120 7.85 15.88 7.31
C LEU A 120 8.96 16.76 6.77
N VAL A 121 10.15 16.18 6.50
CA VAL A 121 11.29 16.85 5.90
C VAL A 121 10.95 17.27 4.47
N ARG A 122 10.38 16.35 3.66
CA ARG A 122 9.97 16.61 2.28
C ARG A 122 8.90 17.71 2.21
N MET A 123 8.05 17.82 3.24
CA MET A 123 6.98 18.82 3.32
C MET A 123 7.50 20.26 3.33
N CYS A 124 8.76 20.50 3.78
CA CYS A 124 9.36 21.84 3.81
C CYS A 124 9.38 22.49 2.42
N ARG A 125 9.31 21.68 1.32
CA ARG A 125 9.24 22.10 -0.06
C ARG A 125 7.87 22.74 -0.36
N ALA A 126 6.80 22.21 0.24
CA ALA A 126 5.43 22.67 0.03
C ALA A 126 5.05 23.76 1.03
N TYR A 127 6.04 24.28 1.72
CA TYR A 127 5.88 25.32 2.73
C TYR A 127 6.44 26.68 2.21
N ASN A 128 5.66 27.74 2.43
CA ASN A 128 5.99 29.12 2.05
C ASN A 128 6.10 29.96 3.33
N ALA A 129 7.33 30.34 3.72
CA ALA A 129 7.64 31.14 4.91
C ALA A 129 7.12 32.57 4.91
N ASP A 130 6.91 33.19 3.72
CA ASP A 130 6.44 34.58 3.59
C ASP A 130 5.10 34.78 4.26
N ASN A 131 4.16 33.86 4.01
CA ASN A 131 2.80 33.89 4.52
C ASN A 131 2.47 32.73 5.48
N ARG A 132 3.45 31.84 5.78
CA ARG A 132 3.33 30.67 6.68
C ARG A 132 2.20 29.69 6.21
N THR A 133 2.19 29.40 4.92
CA THR A 133 1.22 28.54 4.27
C THR A 133 1.84 27.23 3.78
N VAL A 134 0.99 26.21 3.67
CA VAL A 134 1.36 24.89 3.20
C VAL A 134 0.44 24.49 2.04
N PHE A 135 0.97 23.75 1.06
CA PHE A 135 0.22 23.24 -0.08
C PHE A 135 -0.59 22.03 0.38
N PHE A 136 -1.90 22.14 0.24
CA PHE A 136 -2.84 21.13 0.67
C PHE A 136 -3.97 21.19 -0.28
N GLU A 137 -4.32 20.03 -0.90
CA GLU A 137 -5.42 19.87 -1.85
C GLU A 137 -5.51 20.98 -2.91
N GLY A 138 -4.40 21.29 -3.57
CA GLY A 138 -4.41 22.22 -4.68
C GLY A 138 -4.11 23.69 -4.45
N LYS A 139 -4.16 24.15 -3.19
CA LYS A 139 -3.85 25.54 -2.86
C LYS A 139 -2.99 25.61 -1.60
N TYR A 140 -2.54 26.82 -1.23
CA TYR A 140 -1.77 27.13 -0.03
C TYR A 140 -2.66 27.68 1.09
N GLY A 141 -2.53 27.12 2.28
CA GLY A 141 -3.29 27.58 3.45
C GLY A 141 -2.50 27.53 4.74
N GLY A 142 -2.86 28.40 5.66
CA GLY A 142 -2.28 28.46 6.99
C GLY A 142 -2.77 27.34 7.89
N MET A 143 -2.31 27.30 9.15
CA MET A 143 -2.66 26.22 10.06
C MET A 143 -4.14 26.23 10.55
N GLU A 144 -4.86 27.31 10.27
CA GLU A 144 -6.27 27.51 10.58
C GLU A 144 -7.17 26.62 9.70
N LEU A 145 -6.61 26.13 8.61
CA LEU A 145 -7.22 25.21 7.67
C LEU A 145 -7.52 23.86 8.35
N PHE A 146 -6.74 23.52 9.39
CA PHE A 146 -6.76 22.27 10.14
C PHE A 146 -7.49 22.34 11.47
N ARG A 147 -8.16 23.46 11.76
CA ARG A 147 -8.89 23.74 13.00
C ARG A 147 -9.80 22.60 13.50
N ALA A 148 -10.53 21.93 12.58
CA ALA A 148 -11.48 20.85 12.89
C ALA A 148 -10.85 19.64 13.59
N LEU A 149 -9.60 19.30 13.22
CA LEU A 149 -8.81 18.19 13.76
C LEU A 149 -8.66 18.24 15.25
N GLY A 150 -8.70 19.44 15.80
CA GLY A 150 -8.61 19.69 17.24
C GLY A 150 -7.27 19.37 17.85
N CYS A 151 -6.19 19.70 17.12
CA CYS A 151 -4.82 19.46 17.57
C CYS A 151 -3.87 20.55 17.10
N SER A 152 -4.12 21.76 17.62
CA SER A 152 -3.41 23.01 17.39
C SER A 152 -1.90 22.92 17.65
N GLU A 153 -1.49 22.33 18.80
CA GLU A 153 -0.08 22.18 19.19
C GLU A 153 0.67 21.28 18.24
N LEU A 154 0.03 20.23 17.75
CA LEU A 154 0.63 19.34 16.75
C LEU A 154 0.80 20.05 15.40
N ILE A 155 -0.28 20.68 14.88
CA ILE A 155 -0.24 21.42 13.61
C ILE A 155 0.79 22.55 13.69
N SER A 156 0.82 23.26 14.83
CA SER A 156 1.77 24.33 15.12
C SER A 156 3.23 23.84 15.03
N SER A 157 3.52 22.70 15.67
CA SER A 157 4.84 22.05 15.66
C SER A 157 5.31 21.70 14.27
N ILE A 158 4.39 21.27 13.38
CA ILE A 158 4.71 20.89 11.99
C ILE A 158 5.06 22.13 11.17
N PHE A 159 4.24 23.18 11.28
CA PHE A 159 4.51 24.47 10.61
C PHE A 159 5.83 25.08 11.15
N ASP A 160 6.11 24.97 12.48
CA ASP A 160 7.34 25.45 13.12
C ASP A 160 8.59 24.80 12.56
N PHE A 161 8.59 23.45 12.47
CA PHE A 161 9.66 22.66 11.92
C PHE A 161 9.90 22.96 10.43
N SER A 162 8.83 23.16 9.66
CA SER A 162 8.87 23.46 8.22
C SER A 162 9.46 24.82 8.02
N HIS A 163 9.07 25.78 8.89
CA HIS A 163 9.57 27.16 8.85
C HIS A 163 11.09 27.22 9.14
N SER A 164 11.56 26.43 10.12
CA SER A 164 12.98 26.34 10.47
C SER A 164 13.84 25.70 9.33
N LEU A 165 13.29 24.67 8.69
CA LEU A 165 13.88 23.93 7.58
C LEU A 165 13.86 24.75 6.28
N SER A 166 12.89 25.67 6.13
CA SER A 166 12.70 26.58 4.98
C SER A 166 13.85 27.58 4.91
N ALA A 167 14.25 28.06 6.11
CA ALA A 167 15.27 29.07 6.39
C ALA A 167 16.67 28.63 5.94
N LEU A 168 16.90 27.32 5.91
CA LEU A 168 18.12 26.67 5.46
C LEU A 168 18.31 26.71 3.94
N HIS A 169 17.20 26.98 3.20
CA HIS A 169 17.15 27.02 1.74
C HIS A 169 17.68 25.72 1.11
N PHE A 170 17.22 24.64 1.68
CA PHE A 170 17.50 23.26 1.39
C PHE A 170 17.24 22.93 -0.08
N SER A 171 18.31 22.54 -0.79
CA SER A 171 18.24 22.18 -2.20
C SER A 171 17.67 20.77 -2.37
N GLU A 172 17.23 20.43 -3.60
CA GLU A 172 16.68 19.14 -3.91
C GLU A 172 17.64 18.00 -3.59
N ASP A 173 18.94 18.18 -3.89
CA ASP A 173 20.01 17.22 -3.65
C ASP A 173 20.34 17.10 -2.17
N GLU A 174 20.31 18.24 -1.43
CA GLU A 174 20.50 18.26 0.03
C GLU A 174 19.38 17.46 0.72
N ILE A 175 18.12 17.60 0.29
CA ILE A 175 16.92 16.86 0.79
C ILE A 175 17.04 15.36 0.50
N ALA A 176 17.41 15.01 -0.74
CA ALA A 176 17.60 13.63 -1.15
C ALA A 176 18.60 12.91 -0.25
N LEU A 177 19.72 13.53 0.01
CA LEU A 177 20.83 12.99 0.76
C LEU A 177 20.63 12.97 2.27
N TYR A 178 19.91 13.95 2.78
CA TYR A 178 19.56 14.04 4.18
C TYR A 178 18.44 13.03 4.50
N THR A 179 17.42 12.91 3.64
CA THR A 179 16.32 11.95 3.87
C THR A 179 16.78 10.49 3.68
N ALA A 180 17.80 10.24 2.85
CA ALA A 180 18.41 8.90 2.73
C ALA A 180 19.00 8.52 4.10
N LEU A 181 19.58 9.49 4.82
CA LEU A 181 20.16 9.33 6.15
C LEU A 181 19.15 9.27 7.28
N VAL A 182 17.97 9.89 7.12
CA VAL A 182 16.88 9.78 8.10
C VAL A 182 16.41 8.30 8.10
N LEU A 183 16.26 7.71 6.90
CA LEU A 183 15.86 6.33 6.70
C LEU A 183 16.94 5.33 7.08
N ILE A 184 18.13 5.47 6.51
CA ILE A 184 19.22 4.53 6.72
C ILE A 184 20.00 4.90 7.98
N ASN A 185 19.48 4.43 9.08
CA ASN A 185 19.98 4.67 10.42
C ASN A 185 20.07 3.32 11.14
N ALA A 186 21.28 2.91 11.55
CA ALA A 186 21.51 1.64 12.23
C ALA A 186 21.14 1.64 13.71
N HIS A 187 20.68 2.77 14.26
CA HIS A 187 20.31 2.86 15.66
C HIS A 187 18.84 2.59 15.91
N ARG A 188 18.11 2.14 14.87
CA ARG A 188 16.69 1.79 14.98
C ARG A 188 16.57 0.47 15.71
N PRO A 189 15.68 0.35 16.73
CA PRO A 189 15.56 -0.94 17.42
C PRO A 189 14.84 -1.95 16.53
N GLY A 190 15.22 -3.22 16.65
CA GLY A 190 14.63 -4.29 15.86
C GLY A 190 15.42 -4.71 14.64
N LEU A 191 16.58 -4.08 14.38
CA LEU A 191 17.42 -4.44 13.23
C LEU A 191 18.13 -5.79 13.48
N GLN A 192 17.97 -6.74 12.54
CA GLN A 192 18.57 -8.07 12.62
C GLN A 192 19.98 -8.08 12.00
N GLU A 193 20.18 -7.31 10.92
CA GLU A 193 21.46 -7.20 10.21
C GLU A 193 22.05 -5.76 10.39
N LYS A 194 22.20 -5.33 11.67
CA LYS A 194 22.73 -4.03 12.11
C LYS A 194 24.02 -3.57 11.38
N ARG A 195 24.94 -4.50 11.11
CA ARG A 195 26.20 -4.25 10.46
C ARG A 195 26.07 -3.89 8.97
N LYS A 196 25.03 -4.45 8.28
CA LYS A 196 24.71 -4.18 6.86
C LYS A 196 24.23 -2.75 6.73
N VAL A 197 23.36 -2.32 7.68
CA VAL A 197 22.76 -0.99 7.76
C VAL A 197 23.82 0.08 8.07
N GLU A 198 24.76 -0.22 8.99
CA GLU A 198 25.88 0.65 9.39
C GLU A 198 26.76 0.99 8.19
N GLN A 199 27.12 -0.02 7.40
CA GLN A 199 27.91 0.13 6.18
C GLN A 199 27.25 1.03 5.17
N LEU A 200 25.92 0.88 5.00
CA LEU A 200 25.08 1.68 4.12
C LEU A 200 25.05 3.14 4.62
N GLN A 201 24.79 3.30 5.92
CA GLN A 201 24.78 4.58 6.61
C GLN A 201 26.11 5.36 6.47
N TYR A 202 27.27 4.70 6.70
CA TYR A 202 28.61 5.31 6.63
C TYR A 202 28.92 5.81 5.24
N ASN A 203 28.47 5.08 4.22
CA ASN A 203 28.67 5.47 2.83
C ASN A 203 27.83 6.68 2.46
N LEU A 204 26.59 6.75 3.00
CA LEU A 204 25.67 7.82 2.75
C LEU A 204 26.05 9.10 3.49
N GLU A 205 26.62 8.98 4.70
CA GLU A 205 27.13 10.10 5.48
C GLU A 205 28.25 10.80 4.72
N LEU A 206 29.25 10.02 4.29
CA LEU A 206 30.35 10.51 3.50
C LEU A 206 29.89 11.11 2.18
N ALA A 207 28.92 10.49 1.49
CA ALA A 207 28.32 10.99 0.25
C ALA A 207 27.65 12.33 0.52
N PHE A 208 26.97 12.47 1.67
CA PHE A 208 26.34 13.74 2.07
C PHE A 208 27.38 14.83 2.31
N HIS A 209 28.40 14.57 3.18
CA HIS A 209 29.49 15.47 3.53
C HIS A 209 30.30 15.89 2.29
N HIS A 210 30.64 14.92 1.44
CA HIS A 210 31.36 15.12 0.21
C HIS A 210 30.58 16.03 -0.77
N HIS A 211 29.26 15.85 -0.90
CA HIS A 211 28.43 16.70 -1.77
C HIS A 211 28.31 18.13 -1.21
N LEU A 212 28.24 18.29 0.10
CA LEU A 212 28.25 19.60 0.77
C LEU A 212 29.53 20.37 0.54
N CYS A 213 30.65 19.66 0.43
CA CYS A 213 31.96 20.24 0.12
C CYS A 213 32.08 20.68 -1.34
N LYS A 214 31.57 19.89 -2.28
CA LYS A 214 31.57 20.17 -3.73
C LYS A 214 30.73 21.39 -4.10
N THR A 215 29.63 21.64 -3.35
CA THR A 215 28.67 22.72 -3.54
C THR A 215 28.87 23.90 -2.56
N HIS A 216 29.94 23.85 -1.72
CA HIS A 216 30.32 24.87 -0.72
C HIS A 216 29.18 25.17 0.28
N ARG A 217 28.52 24.10 0.73
CA ARG A 217 27.34 24.12 1.62
C ARG A 217 27.59 23.45 2.98
N GLN A 218 28.87 23.31 3.38
CA GLN A 218 29.33 22.75 4.66
C GLN A 218 28.62 23.40 5.84
N SER A 219 28.28 24.70 5.71
CA SER A 219 27.57 25.55 6.68
C SER A 219 26.22 25.04 7.14
N ILE A 220 25.57 24.17 6.38
CA ILE A 220 24.21 23.74 6.70
C ILE A 220 24.17 22.64 7.76
N LEU A 221 25.27 21.87 7.94
CA LEU A 221 25.39 20.75 8.89
C LEU A 221 25.13 21.14 10.33
N ALA A 222 25.63 22.29 10.77
CA ALA A 222 25.44 22.84 12.11
C ALA A 222 24.02 23.45 12.24
N LYS A 223 23.41 23.80 11.11
CA LYS A 223 22.08 24.42 11.04
C LYS A 223 20.90 23.44 10.95
N LEU A 224 21.19 22.15 10.68
CA LEU A 224 20.21 21.09 10.54
C LEU A 224 19.51 20.80 11.86
N PRO A 225 18.24 20.27 11.85
CA PRO A 225 17.59 19.94 13.13
C PRO A 225 18.40 18.89 13.90
N PRO A 226 18.56 19.11 15.22
CA PRO A 226 19.41 18.24 16.04
C PRO A 226 18.88 16.83 16.28
N LYS A 227 19.71 16.00 16.96
CA LYS A 227 19.44 14.63 17.34
C LYS A 227 18.22 14.54 18.26
N GLY A 228 17.16 13.90 17.74
CA GLY A 228 15.91 13.69 18.46
C GLY A 228 14.76 14.62 18.13
N LYS A 229 15.04 15.76 17.42
CA LYS A 229 14.00 16.75 17.06
C LYS A 229 12.94 16.15 16.13
N LEU A 230 13.39 15.38 15.11
CA LEU A 230 12.53 14.69 14.14
C LEU A 230 11.80 13.53 14.82
N ARG A 231 12.48 12.85 15.77
CA ARG A 231 11.92 11.74 16.55
C ARG A 231 10.86 12.20 17.56
N SER A 232 11.03 13.39 18.21
CA SER A 232 10.06 13.93 19.18
C SER A 232 8.75 14.35 18.50
N LEU A 233 8.85 14.85 17.23
CA LEU A 233 7.70 15.23 16.40
C LEU A 233 6.95 13.97 15.91
N CYS A 234 7.64 12.82 15.89
CA CYS A 234 7.12 11.50 15.48
C CYS A 234 7.20 10.50 16.63
N HIS A 237 5.94 6.32 14.33
CA HIS A 237 6.07 4.94 13.88
C HIS A 237 4.82 4.46 13.15
N VAL A 238 4.98 4.04 11.87
CA VAL A 238 3.89 3.49 11.03
C VAL A 238 3.64 2.02 11.46
N GLU A 239 2.43 1.47 11.24
CA GLU A 239 2.13 0.08 11.63
C GLU A 239 2.90 -0.87 10.67
N ARG A 240 3.48 -1.98 11.20
CA ARG A 240 4.27 -2.94 10.41
C ARG A 240 3.57 -3.41 9.12
N LEU A 241 2.22 -3.63 9.18
CA LEU A 241 1.41 -4.08 8.05
C LEU A 241 1.22 -2.98 6.99
N GLN A 242 1.01 -1.72 7.41
CA GLN A 242 0.90 -0.62 6.48
C GLN A 242 2.25 -0.29 5.78
N ILE A 243 3.38 -0.76 6.33
CA ILE A 243 4.70 -0.56 5.72
C ILE A 243 4.99 -1.67 4.69
N PHE A 244 4.65 -2.93 5.05
CA PHE A 244 4.74 -4.09 4.16
C PHE A 244 3.80 -3.86 2.95
N GLN A 245 2.61 -3.26 3.21
CA GLN A 245 1.61 -2.94 2.18
C GLN A 245 2.19 -2.03 1.11
N HIS A 246 2.92 -0.97 1.55
CA HIS A 246 3.55 -0.02 0.63
C HIS A 246 4.71 -0.67 -0.12
N LEU A 247 5.44 -1.56 0.58
CA LEU A 247 6.62 -2.29 0.10
C LEU A 247 6.27 -3.26 -1.02
N HIS A 248 5.33 -4.20 -0.73
CA HIS A 248 4.90 -5.24 -1.66
C HIS A 248 3.41 -5.12 -1.91
N PRO A 249 2.97 -4.18 -2.79
CA PRO A 249 1.52 -4.03 -3.05
C PRO A 249 0.91 -5.19 -3.86
N ILE A 250 1.77 -6.02 -4.49
CA ILE A 250 1.43 -7.22 -5.29
C ILE A 250 2.56 -8.27 -5.12
N VAL A 251 2.16 -9.52 -4.79
CA VAL A 251 3.08 -10.66 -4.60
C VAL A 251 2.81 -11.71 -5.70
N ALA B 23 -16.59 -24.22 20.83
CA ALA B 23 -17.68 -23.26 20.71
C ALA B 23 -19.04 -23.92 20.42
N SER B 24 -20.11 -23.32 20.96
CA SER B 24 -21.51 -23.74 20.77
C SER B 24 -22.01 -23.19 19.42
N LEU B 25 -23.20 -23.67 18.98
CA LEU B 25 -23.87 -23.28 17.73
C LEU B 25 -24.15 -21.76 17.62
N THR B 26 -24.31 -21.09 18.76
CA THR B 26 -24.57 -19.64 18.87
C THR B 26 -23.26 -18.84 18.62
N GLU B 27 -22.10 -19.38 19.07
CA GLU B 27 -20.78 -18.76 18.94
C GLU B 27 -20.24 -18.94 17.52
N ILE B 28 -20.57 -20.08 16.89
CA ILE B 28 -20.20 -20.43 15.52
C ILE B 28 -21.00 -19.52 14.57
N GLU B 29 -22.31 -19.33 14.87
CA GLU B 29 -23.23 -18.47 14.11
C GLU B 29 -22.84 -17.01 14.19
N HIS B 30 -22.28 -16.56 15.34
CA HIS B 30 -21.75 -15.19 15.48
C HIS B 30 -20.53 -15.02 14.57
N LEU B 31 -19.60 -16.02 14.55
CA LEU B 31 -18.42 -16.03 13.67
C LEU B 31 -18.83 -15.97 12.15
N VAL B 32 -19.81 -16.80 11.72
CA VAL B 32 -20.35 -16.79 10.35
C VAL B 32 -20.79 -15.39 9.99
N GLN B 33 -21.65 -14.76 10.80
CA GLN B 33 -22.21 -13.40 10.63
C GLN B 33 -21.15 -12.31 10.56
N SER B 34 -20.09 -12.43 11.37
CA SER B 34 -18.92 -11.56 11.51
C SER B 34 -18.10 -11.54 10.18
N VAL B 35 -17.72 -12.73 9.66
CA VAL B 35 -16.93 -12.92 8.43
C VAL B 35 -17.70 -12.42 7.23
N CYS B 36 -19.00 -12.66 7.23
CA CYS B 36 -19.91 -12.22 6.19
C CYS B 36 -20.10 -10.71 6.18
N LYS B 37 -19.99 -10.09 7.37
CA LYS B 37 -20.09 -8.66 7.57
C LYS B 37 -18.83 -8.01 7.04
N SER B 38 -17.64 -8.49 7.50
CA SER B 38 -16.29 -8.06 7.06
C SER B 38 -16.14 -8.14 5.53
N TYR B 39 -16.72 -9.17 4.93
CA TYR B 39 -16.71 -9.36 3.50
C TYR B 39 -17.53 -8.29 2.79
N ARG B 40 -18.76 -8.01 3.26
CA ARG B 40 -19.70 -7.01 2.70
C ARG B 40 -19.14 -5.59 2.77
N GLU B 41 -18.34 -5.31 3.80
CA GLU B 41 -17.71 -4.02 4.01
C GLU B 41 -16.46 -3.84 3.16
N THR B 42 -15.89 -4.94 2.61
CA THR B 42 -14.64 -4.89 1.82
C THR B 42 -14.77 -5.63 0.47
N CYS B 43 -16.01 -5.89 -0.01
CA CYS B 43 -16.19 -6.64 -1.28
C CYS B 43 -15.84 -5.84 -2.54
N GLN B 44 -15.43 -4.56 -2.37
CA GLN B 44 -15.00 -3.64 -3.43
C GLN B 44 -16.19 -3.18 -4.30
N LEU B 45 -16.75 -4.06 -5.15
CA LEU B 45 -17.90 -3.77 -6.01
C LEU B 45 -19.07 -4.60 -5.53
N ARG B 46 -20.26 -3.96 -5.35
CA ARG B 46 -21.39 -4.76 -4.91
C ARG B 46 -21.89 -5.64 -6.08
N LEU B 47 -22.35 -6.85 -5.74
CA LEU B 47 -22.84 -7.85 -6.69
C LEU B 47 -23.95 -7.26 -7.61
N GLU B 48 -24.85 -6.41 -7.03
CA GLU B 48 -25.94 -5.74 -7.70
C GLU B 48 -25.40 -4.98 -8.92
N ASP B 49 -24.38 -4.10 -8.70
CA ASP B 49 -23.67 -3.31 -9.70
C ASP B 49 -22.99 -4.19 -10.77
N LEU B 50 -22.37 -5.31 -10.37
CA LEU B 50 -21.71 -6.26 -11.28
C LEU B 50 -22.67 -7.01 -12.19
N LEU B 51 -23.81 -7.51 -11.65
CA LEU B 51 -24.80 -8.30 -12.39
C LEU B 51 -25.65 -7.49 -13.39
N ARG B 52 -25.93 -6.20 -13.10
CA ARG B 52 -26.69 -5.33 -14.00
C ARG B 52 -25.79 -4.83 -15.14
N GLN B 53 -24.46 -4.83 -14.90
CA GLN B 53 -23.52 -4.37 -15.91
C GLN B 53 -23.17 -5.45 -16.94
N ARG B 54 -23.69 -6.69 -16.77
CA ARG B 54 -23.47 -7.83 -17.67
C ARG B 54 -23.86 -7.57 -19.12
N SER B 55 -24.83 -6.65 -19.35
CA SER B 55 -25.30 -6.22 -20.66
C SER B 55 -24.29 -5.23 -21.30
N ASN B 56 -23.46 -4.58 -20.48
CA ASN B 56 -22.45 -3.63 -20.94
C ASN B 56 -21.15 -4.37 -21.32
N ILE B 57 -21.11 -4.82 -22.59
CA ILE B 57 -20.02 -5.59 -23.20
C ILE B 57 -19.21 -4.70 -24.13
N PHE B 58 -17.85 -4.81 -24.09
CA PHE B 58 -16.93 -4.06 -24.97
C PHE B 58 -17.23 -4.34 -26.43
N SER B 59 -17.31 -3.30 -27.26
CA SER B 59 -17.56 -3.46 -28.71
C SER B 59 -16.26 -3.95 -29.38
N ARG B 60 -16.38 -4.54 -30.58
CA ARG B 60 -15.25 -5.04 -31.37
C ARG B 60 -14.16 -3.96 -31.55
N GLU B 61 -14.58 -2.68 -31.69
CA GLU B 61 -13.68 -1.53 -31.82
C GLU B 61 -12.93 -1.25 -30.49
N GLU B 62 -13.63 -1.42 -29.35
CA GLU B 62 -13.05 -1.24 -28.01
C GLU B 62 -12.03 -2.34 -27.68
N VAL B 63 -12.30 -3.58 -28.10
CA VAL B 63 -11.41 -4.74 -27.92
C VAL B 63 -10.09 -4.51 -28.69
N THR B 64 -10.19 -4.12 -29.97
CA THR B 64 -9.08 -3.76 -30.86
C THR B 64 -8.18 -2.70 -30.22
N GLY B 65 -8.80 -1.69 -29.60
CA GLY B 65 -8.13 -0.63 -28.86
C GLY B 65 -7.27 -1.18 -27.74
N TYR B 66 -7.77 -2.16 -26.99
CA TYR B 66 -6.99 -2.82 -25.93
C TYR B 66 -5.86 -3.68 -26.46
N GLN B 67 -6.10 -4.36 -27.57
CA GLN B 67 -5.14 -5.26 -28.22
C GLN B 67 -3.99 -4.51 -28.86
N ARG B 68 -4.24 -3.27 -29.33
CA ARG B 68 -3.20 -2.44 -29.97
C ARG B 68 -2.20 -1.85 -28.95
N LYS B 69 -2.61 -1.75 -27.69
CA LYS B 69 -1.80 -1.23 -26.57
C LYS B 69 -0.53 -2.04 -26.36
N SER B 70 0.53 -1.43 -25.79
CA SER B 70 1.72 -2.24 -25.55
C SER B 70 1.48 -3.13 -24.33
N MET B 71 2.21 -4.24 -24.21
CA MET B 71 2.12 -5.15 -23.07
C MET B 71 2.43 -4.33 -21.80
N TRP B 72 3.33 -3.34 -21.89
CA TRP B 72 3.72 -2.41 -20.84
C TRP B 72 2.56 -1.55 -20.36
N GLU B 73 1.73 -1.04 -21.28
CA GLU B 73 0.55 -0.28 -20.90
C GLU B 73 -0.47 -1.18 -20.22
N MET B 74 -0.72 -2.37 -20.82
CA MET B 74 -1.62 -3.39 -20.33
C MET B 74 -1.23 -3.93 -18.96
N TRP B 75 0.05 -4.23 -18.74
CA TRP B 75 0.60 -4.67 -17.45
C TRP B 75 0.41 -3.61 -16.37
N GLU B 76 0.63 -2.32 -16.69
CA GLU B 76 0.43 -1.16 -15.82
C GLU B 76 -1.04 -1.02 -15.36
N ARG B 77 -2.00 -1.20 -16.29
CA ARG B 77 -3.44 -1.19 -16.06
C ARG B 77 -3.86 -2.35 -15.13
N CYS B 78 -3.43 -3.57 -15.45
CA CYS B 78 -3.70 -4.81 -14.72
C CYS B 78 -3.12 -4.77 -13.33
N ALA B 79 -1.86 -4.29 -13.21
CA ALA B 79 -1.15 -4.09 -11.96
C ALA B 79 -1.89 -3.08 -11.08
N HIS B 80 -2.44 -2.00 -11.68
CA HIS B 80 -3.21 -1.02 -10.95
C HIS B 80 -4.47 -1.62 -10.30
N HIS B 81 -5.24 -2.40 -11.10
CA HIS B 81 -6.49 -3.05 -10.70
C HIS B 81 -6.29 -4.20 -9.69
N LEU B 82 -5.17 -4.92 -9.77
CA LEU B 82 -4.82 -6.00 -8.88
C LEU B 82 -4.38 -5.45 -7.53
N THR B 83 -3.65 -4.33 -7.54
CA THR B 83 -3.17 -3.63 -6.35
C THR B 83 -4.36 -3.17 -5.51
N GLU B 84 -5.33 -2.50 -6.16
CA GLU B 84 -6.58 -1.98 -5.61
C GLU B 84 -7.35 -3.14 -4.97
N ALA B 85 -7.49 -4.24 -5.71
CA ALA B 85 -8.13 -5.49 -5.30
C ALA B 85 -7.50 -6.12 -4.05
N ILE B 86 -6.15 -6.22 -4.00
CA ILE B 86 -5.35 -6.73 -2.90
C ILE B 86 -5.56 -5.90 -1.63
N GLN B 87 -5.74 -4.59 -1.76
CA GLN B 87 -6.00 -3.62 -0.69
C GLN B 87 -7.30 -3.92 0.06
N TYR B 88 -8.31 -4.38 -0.69
CA TYR B 88 -9.62 -4.74 -0.18
C TYR B 88 -9.56 -6.09 0.54
N VAL B 89 -8.72 -7.03 0.04
CA VAL B 89 -8.43 -8.34 0.61
C VAL B 89 -7.69 -8.16 1.97
N VAL B 90 -6.73 -7.22 2.02
CA VAL B 90 -5.95 -6.88 3.21
C VAL B 90 -6.88 -6.32 4.32
N GLU B 91 -7.81 -5.43 3.94
CA GLU B 91 -8.82 -4.85 4.83
C GLU B 91 -9.79 -5.92 5.37
N PHE B 92 -10.09 -6.95 4.52
CA PHE B 92 -10.91 -8.11 4.84
C PHE B 92 -10.27 -8.97 5.93
N ALA B 93 -8.95 -9.26 5.81
CA ALA B 93 -8.21 -10.05 6.79
C ALA B 93 -8.11 -9.30 8.10
N LYS B 94 -7.91 -7.98 8.03
CA LYS B 94 -7.79 -7.12 9.20
C LYS B 94 -9.06 -7.12 10.06
N ARG B 95 -10.23 -7.28 9.41
CA ARG B 95 -11.55 -7.31 10.04
C ARG B 95 -11.95 -8.70 10.50
N LEU B 96 -11.14 -9.73 10.16
CA LEU B 96 -11.37 -11.12 10.59
C LEU B 96 -11.00 -11.28 12.02
N SER B 97 -11.85 -12.00 12.79
CA SER B 97 -11.64 -12.24 14.22
C SER B 97 -10.38 -13.06 14.48
N GLY B 98 -9.48 -12.48 15.25
CA GLY B 98 -8.23 -13.13 15.62
C GLY B 98 -7.05 -12.78 14.74
N PHE B 99 -7.31 -12.30 13.50
CA PHE B 99 -6.21 -11.93 12.59
C PHE B 99 -5.31 -10.85 13.13
N MET B 100 -5.90 -9.82 13.74
CA MET B 100 -5.13 -8.71 14.30
C MET B 100 -4.42 -9.08 15.59
N GLU B 101 -4.87 -10.18 16.24
CA GLU B 101 -4.27 -10.72 17.47
C GLU B 101 -3.00 -11.51 17.17
N LEU B 102 -2.86 -12.08 15.95
CA LEU B 102 -1.67 -12.82 15.49
C LEU B 102 -0.46 -11.86 15.45
N CYS B 103 0.79 -12.39 15.53
CA CYS B 103 1.96 -11.53 15.44
C CYS B 103 2.10 -10.93 14.02
N GLN B 104 2.86 -9.83 13.87
CA GLN B 104 3.06 -9.13 12.61
C GLN B 104 3.62 -10.02 11.49
N ASN B 105 4.58 -10.91 11.82
CA ASN B 105 5.20 -11.84 10.85
C ASN B 105 4.15 -12.79 10.25
N ASP B 106 3.26 -13.36 11.10
CA ASP B 106 2.21 -14.26 10.69
C ASP B 106 1.19 -13.56 9.82
N GLN B 107 0.78 -12.33 10.20
CA GLN B 107 -0.11 -11.48 9.41
C GLN B 107 0.44 -11.28 7.99
N ILE B 108 1.75 -10.94 7.88
CA ILE B 108 2.47 -10.73 6.61
C ILE B 108 2.57 -12.04 5.80
N VAL B 109 2.98 -13.15 6.47
CA VAL B 109 3.11 -14.48 5.84
C VAL B 109 1.78 -14.94 5.24
N LEU B 110 0.70 -14.85 6.03
CA LEU B 110 -0.65 -15.19 5.59
C LEU B 110 -1.14 -14.35 4.41
N LEU B 111 -0.96 -13.02 4.46
CA LEU B 111 -1.38 -12.15 3.37
C LEU B 111 -0.54 -12.28 2.11
N LYS B 112 0.78 -12.44 2.26
CA LYS B 112 1.76 -12.59 1.18
C LYS B 112 1.44 -13.82 0.32
N ALA B 113 1.16 -14.95 1.01
CA ALA B 113 0.84 -16.23 0.39
C ALA B 113 -0.59 -16.36 -0.15
N GLY B 114 -1.55 -15.66 0.45
CA GLY B 114 -2.95 -15.82 0.10
C GLY B 114 -3.76 -14.71 -0.54
N ALA B 115 -3.30 -13.43 -0.47
CA ALA B 115 -4.05 -12.29 -1.03
C ALA B 115 -4.39 -12.41 -2.50
N MET B 116 -3.46 -12.89 -3.36
CA MET B 116 -3.72 -13.06 -4.80
C MET B 116 -4.69 -14.19 -5.05
N GLU B 117 -4.60 -15.26 -4.22
CA GLU B 117 -5.49 -16.41 -4.27
C GLU B 117 -6.92 -15.96 -3.99
N VAL B 118 -7.12 -15.10 -2.99
CA VAL B 118 -8.41 -14.50 -2.60
C VAL B 118 -9.00 -13.63 -3.73
N VAL B 119 -8.17 -12.76 -4.36
CA VAL B 119 -8.54 -11.89 -5.50
C VAL B 119 -9.07 -12.77 -6.66
N LEU B 120 -8.40 -13.88 -6.96
CA LEU B 120 -8.81 -14.83 -7.99
C LEU B 120 -10.17 -15.45 -7.72
N VAL B 121 -10.43 -15.84 -6.46
CA VAL B 121 -11.69 -16.41 -6.00
C VAL B 121 -12.76 -15.34 -6.08
N ARG B 122 -12.49 -14.12 -5.55
CA ARG B 122 -13.40 -12.98 -5.60
C ARG B 122 -13.75 -12.57 -7.04
N MET B 123 -12.83 -12.75 -7.98
CA MET B 123 -13.03 -12.41 -9.40
C MET B 123 -14.17 -13.20 -10.06
N CYS B 124 -14.50 -14.42 -9.54
CA CYS B 124 -15.59 -15.24 -10.07
C CYS B 124 -16.94 -14.49 -10.07
N ARG B 125 -17.08 -13.44 -9.23
CA ARG B 125 -18.25 -12.57 -9.15
C ARG B 125 -18.35 -11.67 -10.39
N ALA B 126 -17.21 -11.26 -10.93
CA ALA B 126 -17.15 -10.33 -12.08
C ALA B 126 -17.07 -11.12 -13.38
N TYR B 127 -17.33 -12.42 -13.30
CA TYR B 127 -17.30 -13.34 -14.42
C TYR B 127 -18.74 -13.75 -14.83
N ASN B 128 -19.02 -13.72 -16.13
CA ASN B 128 -20.29 -14.12 -16.74
C ASN B 128 -20.04 -15.34 -17.65
N ALA B 129 -20.50 -16.52 -17.21
CA ALA B 129 -20.38 -17.80 -17.92
C ALA B 129 -21.12 -17.90 -19.26
N ASP B 130 -22.22 -17.15 -19.45
CA ASP B 130 -23.04 -17.21 -20.67
C ASP B 130 -22.21 -16.86 -21.90
N ASN B 131 -21.43 -15.78 -21.81
CA ASN B 131 -20.60 -15.27 -22.90
C ASN B 131 -19.08 -15.35 -22.60
N ARG B 132 -18.68 -15.92 -21.44
CA ARG B 132 -17.28 -16.09 -21.00
C ARG B 132 -16.51 -14.73 -20.93
N THR B 133 -17.17 -13.74 -20.32
CA THR B 133 -16.66 -12.39 -20.18
C THR B 133 -16.34 -12.03 -18.72
N VAL B 134 -15.42 -11.08 -18.55
CA VAL B 134 -15.00 -10.59 -17.25
C VAL B 134 -15.14 -9.08 -17.22
N PHE B 135 -15.52 -8.50 -16.06
CA PHE B 135 -15.62 -7.06 -15.84
C PHE B 135 -14.23 -6.48 -15.69
N PHE B 136 -13.89 -5.57 -16.59
CA PHE B 136 -12.58 -4.94 -16.64
C PHE B 136 -12.81 -3.56 -17.13
N GLU B 137 -12.34 -2.57 -16.37
CA GLU B 137 -12.43 -1.13 -16.69
C GLU B 137 -13.79 -0.66 -17.20
N GLY B 138 -14.86 -1.02 -16.49
CA GLY B 138 -16.21 -0.55 -16.79
C GLY B 138 -17.11 -1.36 -17.68
N LYS B 139 -16.57 -2.35 -18.40
CA LYS B 139 -17.38 -3.21 -19.27
C LYS B 139 -16.92 -4.67 -19.14
N TYR B 140 -17.65 -5.59 -19.79
CA TYR B 140 -17.36 -7.02 -19.84
C TYR B 140 -16.66 -7.38 -21.16
N GLY B 141 -15.56 -8.13 -21.06
CA GLY B 141 -14.83 -8.59 -22.25
C GLY B 141 -14.26 -9.98 -22.08
N GLY B 142 -14.08 -10.66 -23.20
CA GLY B 142 -13.48 -11.99 -23.24
C GLY B 142 -11.96 -11.94 -23.04
N MET B 143 -11.30 -13.10 -23.08
CA MET B 143 -9.85 -13.17 -22.86
C MET B 143 -8.98 -12.55 -24.00
N GLU B 144 -9.60 -12.24 -25.15
CA GLU B 144 -8.97 -11.60 -26.31
C GLU B 144 -8.63 -10.13 -26.02
N LEU B 145 -9.23 -9.58 -24.98
CA LEU B 145 -9.02 -8.23 -24.47
C LEU B 145 -7.57 -8.09 -23.93
N PHE B 146 -6.98 -9.22 -23.51
CA PHE B 146 -5.67 -9.33 -22.88
C PHE B 146 -4.56 -9.82 -23.83
N ARG B 147 -4.86 -9.91 -25.13
CA ARG B 147 -3.95 -10.38 -26.18
C ARG B 147 -2.53 -9.78 -26.15
N ALA B 148 -2.41 -8.46 -25.85
CA ALA B 148 -1.12 -7.74 -25.83
C ALA B 148 -0.13 -8.24 -24.79
N LEU B 149 -0.65 -8.71 -23.64
CA LEU B 149 0.12 -9.26 -22.50
C LEU B 149 1.02 -10.40 -22.91
N GLY B 150 0.63 -11.12 -23.97
CA GLY B 150 1.35 -12.26 -24.52
C GLY B 150 1.42 -13.46 -23.60
N CYS B 151 0.32 -13.77 -22.90
CA CYS B 151 0.24 -14.89 -21.96
C CYS B 151 -1.15 -15.51 -21.95
N SER B 152 -1.51 -16.09 -23.09
CA SER B 152 -2.77 -16.76 -23.39
C SER B 152 -3.08 -17.90 -22.40
N GLU B 153 -2.09 -18.79 -22.09
CA GLU B 153 -2.27 -19.92 -21.16
C GLU B 153 -2.59 -19.46 -19.75
N LEU B 154 -1.98 -18.37 -19.31
CA LEU B 154 -2.26 -17.78 -18.01
C LEU B 154 -3.68 -17.18 -17.97
N ILE B 155 -4.02 -16.32 -18.95
CA ILE B 155 -5.36 -15.70 -19.05
C ILE B 155 -6.44 -16.77 -19.18
N SER B 156 -6.18 -17.81 -20.00
CA SER B 156 -7.04 -18.98 -20.19
C SER B 156 -7.33 -19.68 -18.85
N SER B 157 -6.27 -19.96 -18.07
CA SER B 157 -6.34 -20.61 -16.75
C SER B 157 -7.21 -19.82 -15.77
N ILE B 158 -7.16 -18.47 -15.81
CA ILE B 158 -7.93 -17.60 -14.93
C ILE B 158 -9.41 -17.66 -15.30
N PHE B 159 -9.72 -17.52 -16.60
CA PHE B 159 -11.10 -17.63 -17.10
C PHE B 159 -11.65 -19.05 -16.83
N ASP B 160 -10.79 -20.12 -16.94
CA ASP B 160 -11.16 -21.53 -16.67
C ASP B 160 -11.58 -21.72 -15.23
N PHE B 161 -10.77 -21.23 -14.29
CA PHE B 161 -11.02 -21.31 -12.85
C PHE B 161 -12.28 -20.52 -12.44
N SER B 162 -12.49 -19.34 -13.07
CA SER B 162 -13.65 -18.48 -12.83
C SER B 162 -14.90 -19.17 -13.33
N HIS B 163 -14.80 -19.81 -14.49
CA HIS B 163 -15.90 -20.54 -15.11
C HIS B 163 -16.31 -21.74 -14.27
N SER B 164 -15.32 -22.47 -13.67
CA SER B 164 -15.59 -23.61 -12.80
C SER B 164 -16.28 -23.20 -11.51
N LEU B 165 -15.89 -22.06 -10.87
CA LEU B 165 -16.47 -21.51 -9.65
C LEU B 165 -17.83 -20.88 -9.91
N SER B 166 -18.04 -20.37 -11.16
CA SER B 166 -19.31 -19.75 -11.58
C SER B 166 -20.43 -20.79 -11.64
N ALA B 167 -20.10 -22.03 -12.09
CA ALA B 167 -20.96 -23.20 -12.25
C ALA B 167 -21.50 -23.71 -10.91
N LEU B 168 -20.74 -23.50 -9.84
CA LEU B 168 -21.04 -23.80 -8.46
C LEU B 168 -22.11 -22.84 -7.89
N HIS B 169 -22.35 -21.69 -8.54
CA HIS B 169 -23.28 -20.62 -8.16
C HIS B 169 -22.96 -20.13 -6.76
N PHE B 170 -21.68 -19.90 -6.52
CA PHE B 170 -21.05 -19.46 -5.29
C PHE B 170 -21.71 -18.16 -4.77
N SER B 171 -22.35 -18.25 -3.59
CA SER B 171 -23.02 -17.14 -2.94
C SER B 171 -22.01 -16.21 -2.28
N GLU B 172 -22.44 -14.99 -1.93
CA GLU B 172 -21.60 -13.99 -1.26
C GLU B 172 -21.04 -14.51 0.05
N ASP B 173 -21.87 -15.21 0.82
CA ASP B 173 -21.51 -15.79 2.10
C ASP B 173 -20.57 -16.97 1.96
N GLU B 174 -20.77 -17.82 0.91
CA GLU B 174 -19.90 -18.95 0.58
C GLU B 174 -18.50 -18.42 0.24
N ILE B 175 -18.39 -17.34 -0.54
CA ILE B 175 -17.13 -16.65 -0.93
C ILE B 175 -16.42 -16.07 0.30
N ALA B 176 -17.15 -15.36 1.17
CA ALA B 176 -16.61 -14.77 2.37
C ALA B 176 -15.94 -15.84 3.25
N LEU B 177 -16.62 -16.94 3.46
CA LEU B 177 -16.20 -18.03 4.32
C LEU B 177 -15.12 -18.91 3.75
N TYR B 178 -15.11 -19.09 2.44
CA TYR B 178 -14.11 -19.85 1.75
C TYR B 178 -12.81 -19.02 1.63
N THR B 179 -12.91 -17.71 1.32
CA THR B 179 -11.72 -16.85 1.23
C THR B 179 -11.09 -16.57 2.61
N ALA B 180 -11.88 -16.60 3.71
CA ALA B 180 -11.33 -16.50 5.07
C ALA B 180 -10.41 -17.70 5.31
N LEU B 181 -10.79 -18.87 4.78
CA LEU B 181 -10.03 -20.13 4.86
C LEU B 181 -8.85 -20.21 3.90
N VAL B 182 -8.89 -19.53 2.76
CA VAL B 182 -7.76 -19.45 1.83
C VAL B 182 -6.62 -18.69 2.54
N LEU B 183 -6.96 -17.57 3.22
CA LEU B 183 -6.06 -16.75 3.99
C LEU B 183 -5.56 -17.43 5.26
N ILE B 184 -6.51 -17.86 6.12
CA ILE B 184 -6.15 -18.45 7.40
C ILE B 184 -5.88 -19.93 7.24
N ASN B 185 -4.63 -20.21 6.87
CA ASN B 185 -4.11 -21.54 6.59
C ASN B 185 -2.82 -21.71 7.36
N ALA B 186 -2.79 -22.68 8.28
CA ALA B 186 -1.60 -22.93 9.10
C ALA B 186 -0.48 -23.69 8.40
N HIS B 187 -0.67 -24.08 7.14
CA HIS B 187 0.35 -24.83 6.40
C HIS B 187 1.27 -23.94 5.58
N ARG B 188 1.17 -22.60 5.76
CA ARG B 188 2.01 -21.63 5.09
C ARG B 188 3.40 -21.68 5.72
N PRO B 189 4.49 -21.74 4.94
CA PRO B 189 5.83 -21.74 5.54
C PRO B 189 6.18 -20.36 6.09
N GLY B 190 6.92 -20.33 7.20
CA GLY B 190 7.32 -19.08 7.82
C GLY B 190 6.49 -18.65 9.02
N LEU B 191 5.45 -19.45 9.39
CA LEU B 191 4.61 -19.12 10.54
C LEU B 191 5.34 -19.36 11.86
N GLN B 192 5.39 -18.35 12.73
CA GLN B 192 6.05 -18.42 14.04
C GLN B 192 5.10 -18.95 15.12
N GLU B 193 3.81 -18.58 15.03
CA GLU B 193 2.76 -19.00 15.97
C GLU B 193 1.76 -19.95 15.28
N LYS B 194 2.28 -21.05 14.67
CA LYS B 194 1.53 -22.08 13.93
C LYS B 194 0.25 -22.59 14.63
N ARG B 195 0.30 -22.83 15.95
CA ARG B 195 -0.81 -23.31 16.80
C ARG B 195 -2.00 -22.32 16.84
N LYS B 196 -1.72 -21.00 16.97
CA LYS B 196 -2.68 -19.89 16.98
C LYS B 196 -3.43 -19.78 15.64
N VAL B 197 -2.73 -20.04 14.53
CA VAL B 197 -3.31 -20.01 13.19
C VAL B 197 -4.23 -21.23 13.00
N GLU B 198 -3.84 -22.43 13.51
CA GLU B 198 -4.61 -23.69 13.49
C GLU B 198 -5.95 -23.53 14.21
N GLN B 199 -5.94 -22.92 15.40
CA GLN B 199 -7.12 -22.62 16.21
C GLN B 199 -8.09 -21.73 15.44
N LEU B 200 -7.56 -20.71 14.75
CA LEU B 200 -8.32 -19.77 13.94
C LEU B 200 -8.93 -20.51 12.73
N GLN B 201 -8.10 -21.26 12.03
CA GLN B 201 -8.49 -22.07 10.89
C GLN B 201 -9.62 -23.07 11.25
N TYR B 202 -9.47 -23.81 12.35
CA TYR B 202 -10.50 -24.73 12.78
C TYR B 202 -11.83 -24.05 13.03
N ASN B 203 -11.84 -22.91 13.71
CA ASN B 203 -13.06 -22.19 13.99
C ASN B 203 -13.77 -21.70 12.74
N LEU B 204 -12.97 -21.33 11.73
CA LEU B 204 -13.47 -20.89 10.46
C LEU B 204 -13.99 -22.05 9.61
N GLU B 205 -13.34 -23.22 9.68
CA GLU B 205 -13.78 -24.45 9.00
C GLU B 205 -15.16 -24.84 9.50
N LEU B 206 -15.33 -24.79 10.81
CA LEU B 206 -16.50 -25.09 11.59
C LEU B 206 -17.63 -24.18 11.19
N ALA B 207 -17.34 -22.88 11.09
CA ALA B 207 -18.24 -21.81 10.68
C ALA B 207 -18.65 -22.03 9.23
N PHE B 208 -17.71 -22.40 8.35
CA PHE B 208 -18.00 -22.71 6.94
C PHE B 208 -18.93 -23.91 6.79
N HIS B 209 -18.59 -25.03 7.48
CA HIS B 209 -19.33 -26.31 7.46
C HIS B 209 -20.72 -26.18 8.02
N HIS B 210 -20.86 -25.46 9.13
CA HIS B 210 -22.13 -25.15 9.79
C HIS B 210 -23.04 -24.30 8.88
N HIS B 211 -22.46 -23.29 8.18
CA HIS B 211 -23.24 -22.44 7.29
C HIS B 211 -23.72 -23.19 6.05
N LEU B 212 -22.89 -24.09 5.53
CA LEU B 212 -23.28 -24.97 4.40
C LEU B 212 -24.45 -25.90 4.74
N CYS B 213 -24.54 -26.32 5.99
CA CYS B 213 -25.63 -27.14 6.49
C CYS B 213 -26.93 -26.36 6.64
N LYS B 214 -26.86 -25.14 7.17
CA LYS B 214 -28.01 -24.23 7.36
C LYS B 214 -28.65 -23.76 6.05
N THR B 215 -27.85 -23.64 4.99
CA THR B 215 -28.25 -23.20 3.65
C THR B 215 -28.43 -24.36 2.66
N HIS B 216 -28.29 -25.64 3.12
CA HIS B 216 -28.44 -26.88 2.34
C HIS B 216 -27.49 -26.93 1.14
N ARG B 217 -26.25 -26.51 1.36
CA ARG B 217 -25.21 -26.39 0.36
C ARG B 217 -24.00 -27.28 0.63
N GLN B 218 -24.17 -28.35 1.42
CA GLN B 218 -23.16 -29.38 1.77
C GLN B 218 -22.48 -29.93 0.52
N SER B 219 -23.25 -30.06 -0.58
CA SER B 219 -22.85 -30.51 -1.92
C SER B 219 -21.69 -29.82 -2.55
N ILE B 220 -21.43 -28.56 -2.16
CA ILE B 220 -20.41 -27.77 -2.84
C ILE B 220 -19.00 -28.09 -2.39
N LEU B 221 -18.81 -28.69 -1.19
CA LEU B 221 -17.50 -29.03 -0.62
C LEU B 221 -16.66 -29.94 -1.48
N ALA B 222 -17.28 -30.97 -2.08
CA ALA B 222 -16.61 -31.90 -2.98
C ALA B 222 -16.38 -31.26 -4.36
N LYS B 223 -17.17 -30.23 -4.70
CA LYS B 223 -17.14 -29.51 -5.99
C LYS B 223 -16.16 -28.32 -6.05
N LEU B 224 -15.64 -27.89 -4.89
CA LEU B 224 -14.71 -26.79 -4.75
C LEU B 224 -13.35 -27.16 -5.39
N PRO B 225 -12.52 -26.18 -5.81
CA PRO B 225 -11.20 -26.55 -6.36
C PRO B 225 -10.31 -27.19 -5.29
N PRO B 226 -9.42 -28.15 -5.61
CA PRO B 226 -8.52 -28.66 -4.56
C PRO B 226 -7.60 -27.51 -4.06
N LYS B 227 -7.19 -27.56 -2.78
CA LYS B 227 -6.31 -26.57 -2.13
C LYS B 227 -5.07 -26.21 -3.02
N GLY B 228 -4.44 -27.23 -3.60
CA GLY B 228 -3.28 -27.11 -4.49
C GLY B 228 -3.53 -26.43 -5.83
N LYS B 229 -4.79 -26.48 -6.34
CA LYS B 229 -5.19 -25.87 -7.62
C LYS B 229 -4.91 -24.35 -7.64
N LEU B 230 -5.26 -23.66 -6.54
CA LEU B 230 -5.08 -22.21 -6.33
C LEU B 230 -3.61 -21.86 -6.33
N ARG B 231 -2.79 -22.64 -5.58
CA ARG B 231 -1.33 -22.49 -5.44
C ARG B 231 -0.61 -22.58 -6.77
N SER B 232 -1.00 -23.57 -7.61
CA SER B 232 -0.42 -23.76 -8.95
C SER B 232 -0.76 -22.59 -9.89
N LEU B 233 -1.94 -21.97 -9.72
CA LEU B 233 -2.39 -20.81 -10.47
C LEU B 233 -1.69 -19.55 -9.97
N CYS B 234 -1.49 -19.45 -8.62
CA CYS B 234 -0.84 -18.36 -7.89
C CYS B 234 0.63 -18.23 -8.31
N SER B 235 1.31 -19.38 -8.49
CA SER B 235 2.71 -19.50 -8.94
C SER B 235 2.83 -18.99 -10.38
N GLN B 236 1.74 -19.17 -11.17
CA GLN B 236 1.61 -18.73 -12.56
C GLN B 236 1.01 -17.33 -12.57
C1 D9N C . 0.77 20.66 7.83
C2 D9N C . 0.49 19.99 6.66
C3 D9N C . 0.69 15.04 10.26
C7 D9N C . 2.39 18.53 -0.24
C8 D9N C . 1.72 16.82 -1.77
C9 D9N C . 3.70 18.24 -0.48
C10 D9N C . 3.06 16.53 -2.03
C11 D9N C . -0.37 18.88 4.15
C12 D9N C . 0.15 20.24 8.98
C13 D9N C . -1.09 16.98 5.25
C14 D9N C . -0.40 18.93 6.68
C15 D9N C . -0.64 18.28 5.41
C16 D9N C . 0.14 14.41 11.35
C19 D9N C . 4.03 17.24 -1.37
C20 D9N C . -0.98 18.58 7.88
C21 D9N C . -0.60 18.04 3.08
C22 D9N C . 0.96 13.44 12.10
C24 D9N C . 5.66 15.43 0.73
C27 D9N C . -2.27 17.19 9.25
N29 D9N C . -0.71 19.23 9.04
C4 D9N C . -1.15 14.65 11.77
C5 D9N C . -0.09 15.95 9.57
C6 D9N C . -1.92 15.56 11.07
C17 D9N C . 1.39 17.83 -0.89
C18 D9N C . -1.40 16.20 9.96
C23 D9N C . -0.35 17.49 0.75
C25 D9N C . 2.87 14.04 13.17
C26 D9N C . -0.04 18.12 -0.59
C28 D9N C . 6.22 15.49 -0.68
N30 D9N C . -0.40 18.41 1.76
O31 D9N C . 1.12 12.28 11.74
O32 D9N C . -0.48 16.28 0.87
O33 D9N C . 6.55 18.02 -1.22
O34 D9N C . 5.77 16.44 -3.06
O35 D9N C . -1.87 17.49 7.91
O36 D9N C . 1.45 14.06 13.20
S37 D9N C . -1.19 16.50 3.60
S38 D9N C . 5.76 16.90 -1.68
C1 D9N D . -9.04 -12.23 -16.17
C2 D9N D . -9.28 -11.03 -15.50
C3 D9N D . -3.51 -11.82 -12.95
C7 D9N D . -13.76 -6.60 -11.18
C8 D9N D . -12.75 -4.92 -9.82
C9 D9N D . -14.25 -7.21 -10.04
C10 D9N D . -13.24 -5.53 -8.67
C11 D9N D . -9.88 -8.34 -14.52
C12 D9N D . -7.75 -12.47 -16.59
C13 D9N D . -7.69 -8.17 -13.88
C14 D9N D . -8.25 -10.15 -15.29
C15 D9N D . -8.59 -8.92 -14.60
C16 D9N D . -2.23 -12.16 -13.32
C19 D9N D . -14.01 -6.67 -8.79
C20 D9N D . -6.97 -10.49 -15.74
C21 D9N D . -9.95 -7.19 -13.76
C22 D9N D . -1.37 -12.93 -12.39
C24 D9N D . -12.23 -8.73 -7.09
C27 D9N D . -4.66 -10.00 -16.06
N29 D9N D . -6.72 -11.65 -16.39
C4 D9N D . -1.73 -11.79 -14.55
C5 D9N D . -4.29 -11.11 -13.83
C6 D9N D . -2.53 -11.09 -15.42
C17 D9N D . -13.00 -5.45 -11.06
C18 D9N D . -3.82 -10.74 -15.07
C23 D9N D . -11.10 -5.40 -12.54
C25 D9N D . -1.69 -15.08 -11.53
C26 D9N D . -12.47 -4.83 -12.29
C28 D9N D . -13.24 -7.88 -6.35
N30 D9N D . -11.07 -6.40 -13.50
O31 D9N D . -0.15 -12.78 -12.34
O32 D9N D . -10.16 -4.99 -11.88
O33 D9N D . -15.21 -8.79 -7.84
O34 D9N D . -15.49 -6.59 -6.60
O35 D9N D . -5.92 -9.60 -15.51
O36 D9N D . -2.17 -13.75 -11.64
S37 D9N D . -8.40 -6.80 -13.13
S38 D9N D . -14.68 -7.52 -7.36
#